data_3VMV
#
_entry.id   3VMV
#
_cell.length_a   134.874
_cell.length_b   48.473
_cell.length_c   52.939
_cell.angle_alpha   90.00
_cell.angle_beta   90.00
_cell.angle_gamma   90.00
#
_symmetry.space_group_name_H-M   'P 21 21 2'
#
loop_
_entity.id
_entity.type
_entity.pdbx_description
1 polymer 'Pectate lyase'
2 non-polymer 'SULFATE ION'
3 water water
#
_entity_poly.entity_id   1
_entity_poly.type   'polypeptide(L)'
_entity_poly.pdbx_seq_one_letter_code
;SNGPQGYASMNGGTTGGAGGRVEYASTGAQIQQLIDNRSRSNNPDEPLTIYVNGTITQGNSPQSLIDVKNHRGKAHEIKN
ISIIGVGTNGEFDGIGIRLSNAHNIIIQNVSIHHVREGEGTAIEVTDDSKNVWIDHNEFYSEFPGNGDSDYYDGLVDMKR
NAEYITVSWNKFENHWKTMLVGHTDNASLAPDKITYHHNYFNNLNSRVPLIRYADVHMFNNYFKDINDTAINSRVGARVF
VENNYFDNVGSGQADPTTGFIKGPVGWFYGSPSTGYWNLRGNVFVNTPNSHLNSTTNFTPPYSYQVQSATQAKSSVEQHS
GVGVIN
;
_entity_poly.pdbx_strand_id   A
#
# COMPACT_ATOMS: atom_id res chain seq x y z
N GLY A 3 7.50 7.53 -14.40
CA GLY A 3 6.88 7.76 -13.10
C GLY A 3 5.55 7.08 -12.89
N PRO A 4 4.91 7.37 -11.75
CA PRO A 4 3.68 6.65 -11.42
C PRO A 4 2.46 7.14 -12.19
N GLN A 5 1.52 6.22 -12.39
CA GLN A 5 0.17 6.57 -12.76
C GLN A 5 -0.59 7.06 -11.54
N GLY A 6 -1.67 7.82 -11.77
CA GLY A 6 -2.60 8.08 -10.69
C GLY A 6 -2.18 9.17 -9.72
N TYR A 7 -2.64 9.05 -8.48
CA TYR A 7 -2.54 10.19 -7.59
C TYR A 7 -1.10 10.64 -7.27
N ALA A 8 -0.11 9.72 -7.23
CA ALA A 8 1.26 10.16 -6.94
C ALA A 8 1.83 11.04 -8.09
N SER A 9 1.15 11.04 -9.25
CA SER A 9 1.59 11.88 -10.37
C SER A 9 1.13 13.32 -10.23
N MET A 10 0.19 13.55 -9.32
CA MET A 10 -0.37 14.89 -9.10
C MET A 10 0.47 15.59 -8.07
N ASN A 11 0.08 16.83 -7.76
CA ASN A 11 0.74 17.62 -6.73
C ASN A 11 2.22 17.74 -7.00
N GLY A 12 2.59 17.84 -8.28
CA GLY A 12 3.99 17.98 -8.66
C GLY A 12 4.73 16.73 -9.11
N GLY A 13 4.14 15.55 -8.86
CA GLY A 13 4.70 14.30 -9.33
C GLY A 13 5.61 13.63 -8.30
N THR A 14 6.07 12.43 -8.63
CA THR A 14 6.96 11.68 -7.76
C THR A 14 8.15 11.15 -8.54
N THR A 15 9.34 11.65 -8.17
CA THR A 15 10.59 11.24 -8.76
C THR A 15 11.54 10.61 -7.74
N GLY A 16 11.14 10.63 -6.48
CA GLY A 16 11.98 10.01 -5.45
C GLY A 16 13.39 10.58 -5.36
N GLY A 17 14.36 9.68 -5.35
CA GLY A 17 15.76 10.04 -5.18
C GLY A 17 16.47 10.26 -6.48
N ALA A 18 15.73 10.33 -7.59
CA ALA A 18 16.38 10.47 -8.90
C ALA A 18 17.18 11.77 -9.00
N GLY A 19 18.37 11.67 -9.58
CA GLY A 19 19.14 12.86 -9.90
C GLY A 19 19.98 13.42 -8.76
N GLY A 20 20.37 12.55 -7.83
CA GLY A 20 21.28 12.92 -6.77
C GLY A 20 22.30 11.83 -6.52
N ARG A 21 22.51 11.52 -5.26
CA ARG A 21 23.48 10.53 -4.86
C ARG A 21 22.89 9.12 -4.93
N VAL A 22 23.78 8.16 -5.14
CA VAL A 22 23.44 6.73 -5.14
C VAL A 22 24.27 6.00 -4.12
N GLU A 23 23.62 5.20 -3.29
CA GLU A 23 24.29 4.38 -2.33
C GLU A 23 23.74 2.99 -2.43
N TYR A 24 24.57 2.04 -2.07
CA TYR A 24 24.15 0.67 -1.96
C TYR A 24 24.24 0.23 -0.51
N ALA A 25 23.16 -0.38 -0.03
CA ALA A 25 23.12 -0.80 1.37
C ALA A 25 22.65 -2.22 1.49
N SER A 26 23.18 -2.95 2.45
CA SER A 26 22.76 -4.32 2.65
C SER A 26 22.41 -4.60 4.10
N THR A 27 22.36 -3.55 4.93
CA THR A 27 21.88 -3.74 6.32
C THR A 27 21.02 -2.53 6.69
N GLY A 28 20.17 -2.70 7.71
CA GLY A 28 19.35 -1.61 8.15
C GLY A 28 20.19 -0.49 8.73
N ALA A 29 21.30 -0.85 9.37
CA ALA A 29 22.22 0.17 9.88
C ALA A 29 22.72 1.08 8.76
N GLN A 30 23.07 0.50 7.61
CA GLN A 30 23.52 1.36 6.50
C GLN A 30 22.39 2.24 6.01
N ILE A 31 21.20 1.66 5.84
CA ILE A 31 20.07 2.46 5.39
C ILE A 31 19.76 3.60 6.37
N GLN A 32 19.64 3.26 7.66
CA GLN A 32 19.28 4.28 8.65
C GLN A 32 20.36 5.38 8.72
N GLN A 33 21.62 4.99 8.67
CA GLN A 33 22.70 5.99 8.69
C GLN A 33 22.68 6.88 7.49
N LEU A 34 22.42 6.31 6.31
CA LEU A 34 22.34 7.15 5.14
C LEU A 34 21.26 8.22 5.29
N ILE A 35 20.10 7.82 5.79
CA ILE A 35 19.00 8.73 5.98
C ILE A 35 19.36 9.81 7.00
N ASP A 36 19.89 9.39 8.14
CA ASP A 36 20.14 10.33 9.24
C ASP A 36 21.32 11.25 8.91
N ASN A 37 22.36 10.68 8.31
CA ASN A 37 23.51 11.49 7.92
C ASN A 37 23.09 12.56 6.92
N ARG A 38 22.27 12.19 5.95
CA ARG A 38 21.80 13.19 5.01
C ARG A 38 20.98 14.28 5.72
N SER A 39 20.13 13.84 6.64
CA SER A 39 19.24 14.77 7.33
C SER A 39 20.04 15.82 8.12
N ARG A 40 21.21 15.45 8.60
CA ARG A 40 22.05 16.32 9.42
C ARG A 40 23.02 17.15 8.56
N SER A 41 23.06 16.89 7.25
CA SER A 41 24.02 17.53 6.34
C SER A 41 23.60 18.96 5.95
N ASN A 42 24.46 19.63 5.18
CA ASN A 42 24.14 20.98 4.72
C ASN A 42 23.10 20.97 3.60
N ASN A 43 22.76 19.78 3.14
CA ASN A 43 21.91 19.61 1.96
C ASN A 43 20.96 18.43 2.21
N PRO A 44 20.08 18.58 3.19
CA PRO A 44 19.24 17.46 3.63
C PRO A 44 18.22 16.97 2.61
N ASP A 45 17.88 17.79 1.62
CA ASP A 45 16.90 17.36 0.62
C ASP A 45 17.53 16.89 -0.68
N GLU A 46 18.86 16.82 -0.71
CA GLU A 46 19.55 16.35 -1.92
C GLU A 46 18.99 14.95 -2.24
N PRO A 47 18.50 14.73 -3.46
CA PRO A 47 17.91 13.40 -3.76
C PRO A 47 18.90 12.26 -3.51
N LEU A 48 18.38 11.16 -2.96
CA LEU A 48 19.18 10.01 -2.58
C LEU A 48 18.47 8.74 -3.02
N THR A 49 19.14 7.93 -3.81
CA THR A 49 18.66 6.61 -4.15
C THR A 49 19.49 5.61 -3.36
N ILE A 50 18.82 4.75 -2.61
CA ILE A 50 19.47 3.68 -1.87
C ILE A 50 19.09 2.36 -2.54
N TYR A 51 20.04 1.73 -3.22
CA TYR A 51 19.84 0.37 -3.76
C TYR A 51 20.09 -0.63 -2.67
N VAL A 52 19.13 -1.52 -2.45
CA VAL A 52 19.22 -2.49 -1.37
C VAL A 52 19.62 -3.84 -1.98
N ASN A 53 20.81 -4.29 -1.61
CA ASN A 53 21.38 -5.52 -2.16
C ASN A 53 21.76 -6.54 -1.09
N GLY A 54 21.00 -6.57 -0.01
CA GLY A 54 21.16 -7.58 1.00
C GLY A 54 19.90 -7.68 1.81
N THR A 55 19.86 -8.61 2.75
CA THR A 55 18.64 -8.82 3.55
C THR A 55 18.70 -7.98 4.83
N ILE A 56 17.76 -7.04 4.92
CA ILE A 56 17.62 -6.13 6.06
C ILE A 56 16.79 -6.81 7.15
N THR A 57 17.23 -6.72 8.41
CA THR A 57 16.62 -7.54 9.46
C THR A 57 16.58 -6.73 10.73
N GLN A 58 15.87 -7.23 11.74
CA GLN A 58 15.99 -6.63 13.07
C GLN A 58 17.44 -6.67 13.57
N GLY A 59 18.10 -7.81 13.38
CA GLY A 59 19.46 -8.00 13.89
C GLY A 59 20.47 -7.04 13.27
N ASN A 60 20.23 -6.58 12.03
CA ASN A 60 21.22 -5.68 11.42
C ASN A 60 20.77 -4.21 11.29
N SER A 61 19.70 -3.88 12.02
CA SER A 61 19.10 -2.52 12.02
C SER A 61 19.10 -1.97 13.44
N PRO A 62 19.29 -0.67 13.56
CA PRO A 62 19.47 -0.06 14.89
C PRO A 62 18.14 0.30 15.58
N GLN A 63 17.04 0.39 14.84
CA GLN A 63 15.70 0.61 15.42
C GLN A 63 14.82 -0.55 14.97
N SER A 64 13.63 -0.64 15.54
CA SER A 64 12.74 -1.77 15.22
C SER A 64 12.00 -1.61 13.89
N LEU A 65 12.25 -0.51 13.19
CA LEU A 65 11.74 -0.26 11.84
C LEU A 65 12.74 0.63 11.14
N ILE A 66 12.62 0.76 9.82
CA ILE A 66 13.47 1.65 9.04
C ILE A 66 12.73 2.98 8.98
N ASP A 67 13.28 3.98 9.64
CA ASP A 67 12.59 5.23 9.96
C ASP A 67 12.94 6.27 8.90
N VAL A 68 12.07 6.39 7.90
CA VAL A 68 12.18 7.46 6.88
C VAL A 68 11.52 8.71 7.44
N LYS A 69 12.29 9.42 8.27
CA LYS A 69 11.83 10.52 9.09
C LYS A 69 13.03 11.43 9.25
N ASN A 70 12.75 12.72 9.26
CA ASN A 70 13.79 13.68 9.51
C ASN A 70 14.40 13.42 10.88
N HIS A 71 15.70 13.62 11.01
CA HIS A 71 16.32 13.49 12.32
C HIS A 71 15.74 14.57 13.28
N ARG A 72 15.23 15.70 12.79
CA ARG A 72 14.65 16.70 13.73
C ARG A 72 13.17 16.39 14.02
N GLY A 73 12.80 15.12 13.80
CA GLY A 73 11.47 14.62 14.14
C GLY A 73 10.41 14.95 13.10
N LYS A 74 9.20 14.41 13.31
CA LYS A 74 8.10 14.51 12.34
C LYS A 74 7.55 15.90 11.99
N ALA A 75 7.88 16.93 12.77
CA ALA A 75 7.45 18.28 12.39
C ALA A 75 8.19 18.82 11.16
N HIS A 76 9.33 18.18 10.84
CA HIS A 76 10.17 18.60 9.73
C HIS A 76 10.01 17.57 8.64
N GLU A 77 10.02 18.01 7.40
CA GLU A 77 9.89 17.11 6.28
C GLU A 77 11.18 16.36 5.97
N ILE A 78 11.03 15.15 5.44
CA ILE A 78 12.13 14.47 4.78
C ILE A 78 11.71 14.24 3.34
N LYS A 79 12.61 14.45 2.40
CA LYS A 79 12.22 14.52 0.98
C LYS A 79 13.15 13.78 0.04
N ASN A 80 12.62 13.37 -1.10
CA ASN A 80 13.42 13.00 -2.26
C ASN A 80 14.31 11.77 -2.04
N ILE A 81 13.63 10.64 -1.78
CA ILE A 81 14.33 9.38 -1.57
C ILE A 81 13.74 8.30 -2.43
N SER A 82 14.57 7.44 -3.01
CA SER A 82 14.11 6.15 -3.52
C SER A 82 14.85 5.04 -2.79
N ILE A 83 14.12 4.00 -2.38
CA ILE A 83 14.69 2.75 -1.87
C ILE A 83 14.31 1.69 -2.89
N ILE A 84 15.32 1.14 -3.57
CA ILE A 84 15.06 0.24 -4.70
C ILE A 84 15.86 -1.03 -4.50
N GLY A 85 15.19 -2.19 -4.55
CA GLY A 85 15.89 -3.44 -4.48
C GLY A 85 16.72 -3.71 -5.73
N VAL A 86 17.83 -4.41 -5.56
CA VAL A 86 18.65 -4.91 -6.66
C VAL A 86 18.23 -6.34 -7.00
N GLY A 87 17.71 -6.57 -8.22
CA GLY A 87 17.31 -7.92 -8.61
C GLY A 87 16.26 -8.46 -7.67
N THR A 88 16.52 -9.64 -7.12
CA THR A 88 15.61 -10.25 -6.16
C THR A 88 16.28 -10.21 -4.79
N ASN A 89 17.26 -9.33 -4.64
CA ASN A 89 18.07 -9.29 -3.41
C ASN A 89 17.71 -8.21 -2.42
N GLY A 90 16.69 -7.41 -2.72
CA GLY A 90 16.25 -6.33 -1.83
C GLY A 90 15.20 -6.83 -0.89
N GLU A 91 15.62 -7.43 0.22
CA GLU A 91 14.69 -8.15 1.08
C GLU A 91 14.71 -7.55 2.48
N PHE A 92 13.52 -7.33 3.06
CA PHE A 92 13.37 -6.86 4.43
C PHE A 92 12.64 -7.98 5.15
N ASP A 93 13.36 -8.74 5.96
CA ASP A 93 12.82 -9.92 6.64
C ASP A 93 12.59 -9.57 8.10
N GLY A 94 11.32 -9.33 8.44
CA GLY A 94 10.97 -9.08 9.82
C GLY A 94 11.12 -7.65 10.24
N ILE A 95 11.32 -6.73 9.28
CA ILE A 95 11.43 -5.31 9.65
C ILE A 95 10.82 -4.53 8.51
N GLY A 96 10.01 -3.56 8.88
CA GLY A 96 9.30 -2.73 7.91
C GLY A 96 9.82 -1.33 7.84
N ILE A 97 9.27 -0.61 6.86
CA ILE A 97 9.62 0.79 6.62
C ILE A 97 8.51 1.71 7.06
N ARG A 98 8.85 2.83 7.71
CA ARG A 98 7.86 3.85 8.06
C ARG A 98 8.22 5.14 7.39
N LEU A 99 7.25 5.74 6.71
CA LEU A 99 7.45 7.08 6.14
C LEU A 99 6.71 8.07 6.99
N SER A 100 7.41 9.06 7.54
CA SER A 100 6.78 10.03 8.44
C SER A 100 7.10 11.45 7.96
N ASN A 101 6.06 12.19 7.61
CA ASN A 101 6.21 13.51 6.97
C ASN A 101 7.24 13.47 5.86
N ALA A 102 7.08 12.43 5.03
CA ALA A 102 8.00 12.11 3.98
C ALA A 102 7.40 12.49 2.64
N HIS A 103 8.18 13.17 1.79
CA HIS A 103 7.67 13.76 0.56
C HIS A 103 8.51 13.38 -0.62
N ASN A 104 7.84 12.92 -1.68
CA ASN A 104 8.51 12.51 -2.91
C ASN A 104 9.42 11.30 -2.66
N ILE A 105 8.76 10.18 -2.39
CA ILE A 105 9.42 8.95 -1.98
C ILE A 105 8.99 7.81 -2.89
N ILE A 106 9.96 7.03 -3.36
CA ILE A 106 9.69 5.81 -4.12
C ILE A 106 10.24 4.59 -3.33
N ILE A 107 9.41 3.58 -3.12
CA ILE A 107 9.87 2.27 -2.63
C ILE A 107 9.53 1.26 -3.73
N GLN A 108 10.56 0.62 -4.26
CA GLN A 108 10.37 -0.18 -5.47
C GLN A 108 11.22 -1.42 -5.44
N ASN A 109 10.68 -2.51 -5.97
CA ASN A 109 11.42 -3.75 -6.15
C ASN A 109 12.04 -4.35 -4.89
N VAL A 110 11.32 -4.24 -3.77
CA VAL A 110 11.76 -4.94 -2.55
C VAL A 110 10.70 -5.94 -2.06
N SER A 111 11.13 -6.93 -1.28
CA SER A 111 10.21 -7.84 -0.63
C SER A 111 10.26 -7.52 0.84
N ILE A 112 9.11 -7.33 1.46
CA ILE A 112 9.07 -6.98 2.90
C ILE A 112 8.08 -7.91 3.53
N HIS A 113 8.51 -8.66 4.54
CA HIS A 113 7.65 -9.73 4.99
C HIS A 113 7.89 -10.14 6.44
N HIS A 114 6.84 -10.76 6.98
CA HIS A 114 6.83 -11.28 8.35
C HIS A 114 7.19 -10.18 9.33
N VAL A 115 6.58 -9.00 9.14
CA VAL A 115 6.88 -7.86 10.01
C VAL A 115 5.97 -7.93 11.23
N ARG A 116 6.55 -8.28 12.38
CA ARG A 116 5.83 -8.27 13.66
C ARG A 116 6.26 -7.10 14.55
N GLU A 117 7.57 -6.86 14.64
CA GLU A 117 8.11 -5.78 15.50
C GLU A 117 7.93 -4.39 14.88
N GLY A 118 8.23 -3.33 15.64
CA GLY A 118 7.98 -1.99 15.12
C GLY A 118 6.49 -1.69 15.09
N GLU A 119 6.02 -1.21 13.94
CA GLU A 119 4.58 -1.05 13.75
C GLU A 119 3.95 -2.40 13.40
N GLY A 120 4.77 -3.42 13.12
CA GLY A 120 4.26 -4.70 12.65
C GLY A 120 3.70 -4.59 11.23
N THR A 121 4.20 -3.61 10.50
CA THR A 121 3.64 -3.31 9.19
C THR A 121 4.74 -3.16 8.15
N ALA A 122 4.54 -3.71 6.96
CA ALA A 122 5.64 -3.71 5.97
C ALA A 122 5.96 -2.26 5.51
N ILE A 123 4.94 -1.48 5.12
CA ILE A 123 5.17 -0.06 4.87
C ILE A 123 4.06 0.72 5.53
N GLU A 124 4.42 1.59 6.47
CA GLU A 124 3.50 2.51 7.09
C GLU A 124 3.72 3.89 6.52
N VAL A 125 2.67 4.53 5.97
CA VAL A 125 2.82 5.85 5.38
C VAL A 125 1.98 6.81 6.22
N THR A 126 2.60 7.77 6.91
CA THR A 126 1.91 8.48 7.97
C THR A 126 2.43 9.88 8.17
N ASP A 127 1.87 10.57 9.16
CA ASP A 127 2.31 11.91 9.53
C ASP A 127 2.47 12.85 8.34
N ASP A 128 1.41 12.96 7.55
CA ASP A 128 1.32 13.96 6.50
C ASP A 128 2.26 13.76 5.33
N SER A 129 2.70 12.51 5.13
CA SER A 129 3.53 12.20 3.96
C SER A 129 2.74 12.45 2.68
N LYS A 130 3.43 12.84 1.62
CA LYS A 130 2.78 13.06 0.34
C LYS A 130 3.68 12.64 -0.82
N ASN A 131 3.05 12.22 -1.91
CA ASN A 131 3.77 11.88 -3.17
C ASN A 131 4.68 10.70 -2.96
N VAL A 132 4.06 9.54 -2.77
CA VAL A 132 4.74 8.33 -2.48
C VAL A 132 4.30 7.28 -3.50
N TRP A 133 5.28 6.62 -4.12
CA TRP A 133 5.01 5.57 -5.10
C TRP A 133 5.60 4.25 -4.57
N ILE A 134 4.71 3.26 -4.35
CA ILE A 134 5.10 1.94 -3.84
C ILE A 134 4.85 0.99 -5.02
N ASP A 135 5.94 0.56 -5.66
CA ASP A 135 5.84 -0.11 -6.97
C ASP A 135 6.67 -1.37 -7.05
N HIS A 136 6.09 -2.44 -7.58
CA HIS A 136 6.85 -3.64 -7.91
C HIS A 136 7.53 -4.29 -6.70
N ASN A 137 6.80 -4.30 -5.59
CA ASN A 137 7.26 -4.97 -4.39
C ASN A 137 6.45 -6.23 -4.10
N GLU A 138 6.86 -6.96 -3.07
CA GLU A 138 6.09 -8.11 -2.60
C GLU A 138 6.01 -8.01 -1.10
N PHE A 139 4.80 -8.24 -0.59
CA PHE A 139 4.51 -8.10 0.83
C PHE A 139 3.78 -9.33 1.28
N TYR A 140 4.16 -9.93 2.41
CA TYR A 140 3.47 -11.14 2.82
C TYR A 140 3.77 -11.46 4.29
N SER A 141 2.98 -12.34 4.88
CA SER A 141 3.34 -12.91 6.19
C SER A 141 2.85 -14.35 6.20
N GLU A 142 1.83 -14.69 7.00
CA GLU A 142 1.20 -16.00 6.89
C GLU A 142 -0.31 -15.82 7.01
N PHE A 143 -1.06 -16.66 6.29
CA PHE A 143 -2.51 -16.74 6.49
C PHE A 143 -2.93 -18.17 6.14
N PRO A 144 -3.57 -18.88 7.09
CA PRO A 144 -3.99 -18.38 8.40
C PRO A 144 -2.86 -18.39 9.43
N GLY A 145 -1.74 -19.01 9.08
CA GLY A 145 -0.64 -19.13 10.03
C GLY A 145 -1.09 -19.79 11.32
N ASN A 146 -0.64 -19.21 12.44
CA ASN A 146 -1.01 -19.64 13.80
C ASN A 146 -2.41 -19.26 14.25
N GLY A 147 -3.17 -18.62 13.37
CA GLY A 147 -4.56 -18.28 13.64
C GLY A 147 -4.81 -16.94 14.33
N ASP A 148 -3.74 -16.21 14.66
CA ASP A 148 -3.84 -14.92 15.37
C ASP A 148 -3.69 -13.80 14.34
N SER A 149 -4.83 -13.19 14.01
CA SER A 149 -4.86 -12.19 12.95
C SER A 149 -4.02 -10.97 13.31
N ASP A 150 -3.66 -10.79 14.59
CA ASP A 150 -2.96 -9.60 15.03
C ASP A 150 -1.47 -9.86 15.30
N TYR A 151 -1.01 -11.10 15.06
CA TYR A 151 0.41 -11.41 15.34
C TYR A 151 1.28 -10.52 14.49
N TYR A 152 0.97 -10.47 13.19
CA TYR A 152 1.48 -9.43 12.30
C TYR A 152 0.41 -8.37 12.21
N ASP A 153 0.82 -7.13 11.86
CA ASP A 153 -0.16 -6.06 11.69
C ASP A 153 -0.46 -5.85 10.20
N GLY A 154 -0.10 -4.72 9.62
CA GLY A 154 -0.49 -4.50 8.21
C GLY A 154 0.54 -4.83 7.18
N LEU A 155 0.15 -4.81 5.91
CA LEU A 155 1.13 -4.86 4.87
C LEU A 155 1.44 -3.46 4.40
N VAL A 156 0.47 -2.75 3.85
CA VAL A 156 0.71 -1.32 3.53
C VAL A 156 -0.40 -0.50 4.12
N ASP A 157 -0.08 0.33 5.13
CA ASP A 157 -1.08 1.12 5.83
C ASP A 157 -0.79 2.58 5.64
N MET A 158 -1.86 3.36 5.45
CA MET A 158 -1.75 4.82 5.29
C MET A 158 -2.60 5.49 6.34
N LYS A 159 -2.03 6.50 6.98
CA LYS A 159 -2.67 7.15 8.13
C LYS A 159 -2.34 8.63 8.16
N ARG A 160 -3.11 9.35 8.99
CA ARG A 160 -2.71 10.70 9.44
C ARG A 160 -2.38 11.61 8.25
N ASN A 161 -3.36 11.77 7.38
CA ASN A 161 -3.29 12.75 6.31
C ASN A 161 -2.27 12.51 5.21
N ALA A 162 -1.82 11.26 5.05
CA ALA A 162 -1.00 10.87 3.91
C ALA A 162 -1.84 11.11 2.66
N GLU A 163 -1.21 11.60 1.58
CA GLU A 163 -1.98 12.02 0.41
C GLU A 163 -1.13 11.87 -0.82
N TYR A 164 -1.79 11.61 -1.96
CA TYR A 164 -1.13 11.53 -3.27
C TYR A 164 -0.20 10.32 -3.32
N ILE A 165 -0.80 9.13 -3.25
CA ILE A 165 -0.05 7.89 -3.06
C ILE A 165 -0.47 6.93 -4.15
N THR A 166 0.49 6.28 -4.82
CA THR A 166 0.18 5.23 -5.79
C THR A 166 0.84 3.94 -5.38
N VAL A 167 0.05 2.87 -5.36
CA VAL A 167 0.48 1.54 -5.00
C VAL A 167 0.24 0.70 -6.25
N SER A 168 1.31 0.32 -6.90
CA SER A 168 1.20 -0.32 -8.21
C SER A 168 2.08 -1.53 -8.37
N TRP A 169 1.59 -2.52 -9.11
CA TRP A 169 2.42 -3.67 -9.53
C TRP A 169 3.02 -4.48 -8.38
N ASN A 170 2.38 -4.46 -7.22
CA ASN A 170 2.91 -5.21 -6.09
C ASN A 170 2.20 -6.51 -5.91
N LYS A 171 2.80 -7.44 -5.18
CA LYS A 171 2.06 -8.63 -4.73
C LYS A 171 1.84 -8.49 -3.23
N PHE A 172 0.59 -8.71 -2.79
CA PHE A 172 0.22 -8.75 -1.38
C PHE A 172 -0.34 -10.16 -1.18
N GLU A 173 0.27 -11.00 -0.35
CA GLU A 173 -0.14 -12.37 -0.26
C GLU A 173 -0.02 -12.86 1.16
N ASN A 174 -0.82 -13.87 1.46
CA ASN A 174 -0.64 -14.67 2.68
C ASN A 174 -0.62 -13.82 3.92
N HIS A 175 -1.75 -13.18 4.19
CA HIS A 175 -1.76 -12.22 5.28
C HIS A 175 -3.19 -12.01 5.76
N TRP A 176 -3.37 -11.62 7.02
CA TRP A 176 -4.68 -11.34 7.53
C TRP A 176 -5.14 -9.89 7.23
N LYS A 177 -4.53 -8.89 7.88
CA LYS A 177 -5.03 -7.49 7.82
C LYS A 177 -4.25 -6.70 6.79
N THR A 178 -4.71 -6.71 5.55
CA THR A 178 -3.80 -6.35 4.44
C THR A 178 -3.42 -4.86 4.34
N MET A 179 -4.40 -3.97 4.22
CA MET A 179 -4.13 -2.57 3.95
C MET A 179 -5.14 -1.68 4.62
N LEU A 180 -4.67 -0.64 5.30
CA LEU A 180 -5.54 0.36 5.92
C LEU A 180 -5.39 1.71 5.19
N VAL A 181 -6.49 2.44 5.05
CA VAL A 181 -6.42 3.82 4.62
C VAL A 181 -7.24 4.58 5.62
N GLY A 182 -6.58 5.17 6.61
CA GLY A 182 -7.25 5.80 7.75
C GLY A 182 -7.42 4.79 8.89
N HIS A 183 -6.80 5.09 10.03
CA HIS A 183 -6.70 4.13 11.14
C HIS A 183 -7.76 4.31 12.21
N THR A 184 -8.49 5.42 12.15
CA THR A 184 -9.50 5.75 13.16
C THR A 184 -10.60 6.60 12.53
N ASP A 185 -11.77 6.62 13.16
CA ASP A 185 -12.89 7.43 12.64
C ASP A 185 -12.74 8.89 13.05
N ASN A 186 -11.67 9.52 12.54
CA ASN A 186 -11.44 10.95 12.73
C ASN A 186 -11.16 11.55 11.35
N ALA A 187 -12.16 12.24 10.82
CA ALA A 187 -12.04 12.78 9.47
C ALA A 187 -10.83 13.69 9.35
N SER A 188 -10.48 14.40 10.42
CA SER A 188 -9.37 15.37 10.32
C SER A 188 -8.00 14.72 10.20
N LEU A 189 -7.94 13.40 10.41
CA LEU A 189 -6.66 12.68 10.30
C LEU A 189 -6.68 11.75 9.09
N ALA A 190 -7.75 11.75 8.32
CA ALA A 190 -7.84 10.78 7.19
C ALA A 190 -6.86 11.08 6.07
N PRO A 191 -6.22 10.04 5.55
CA PRO A 191 -5.54 10.18 4.26
C PRO A 191 -6.57 10.52 3.17
N ASP A 192 -6.04 10.82 1.98
CA ASP A 192 -6.87 11.04 0.80
C ASP A 192 -6.04 10.80 -0.44
N LYS A 193 -6.72 10.53 -1.55
CA LYS A 193 -6.09 10.54 -2.89
C LYS A 193 -5.04 9.41 -3.06
N ILE A 194 -5.57 8.18 -3.04
CA ILE A 194 -4.76 6.95 -3.19
C ILE A 194 -5.20 6.18 -4.43
N THR A 195 -4.24 5.74 -5.24
CA THR A 195 -4.50 4.87 -6.38
C THR A 195 -3.87 3.51 -6.11
N TYR A 196 -4.61 2.44 -6.40
CA TYR A 196 -4.06 1.10 -6.43
C TYR A 196 -4.29 0.54 -7.82
N HIS A 197 -3.23 0.13 -8.50
CA HIS A 197 -3.43 -0.52 -9.80
C HIS A 197 -2.42 -1.59 -10.09
N HIS A 198 -2.88 -2.62 -10.81
CA HIS A 198 -2.03 -3.73 -11.22
C HIS A 198 -1.37 -4.48 -10.09
N ASN A 199 -2.03 -4.53 -8.94
CA ASN A 199 -1.52 -5.38 -7.86
C ASN A 199 -2.18 -6.74 -7.89
N TYR A 200 -1.49 -7.70 -7.27
CA TYR A 200 -2.02 -9.01 -7.01
C TYR A 200 -2.34 -9.10 -5.52
N PHE A 201 -3.60 -9.34 -5.19
CA PHE A 201 -4.05 -9.48 -3.80
C PHE A 201 -4.49 -10.91 -3.62
N ASN A 202 -3.71 -11.76 -2.95
CA ASN A 202 -3.96 -13.20 -3.00
C ASN A 202 -3.81 -13.87 -1.62
N ASN A 203 -4.78 -14.70 -1.27
CA ASN A 203 -4.75 -15.46 0.00
C ASN A 203 -4.64 -14.52 1.21
N LEU A 204 -5.68 -13.68 1.33
CA LEU A 204 -5.75 -12.63 2.35
C LEU A 204 -7.03 -12.82 3.10
N ASN A 205 -7.09 -12.33 4.36
CA ASN A 205 -8.37 -12.39 5.04
C ASN A 205 -9.27 -11.17 4.80
N SER A 206 -8.71 -9.99 5.00
CA SER A 206 -9.52 -8.75 4.98
C SER A 206 -8.70 -7.51 4.72
N ARG A 207 -9.38 -6.38 4.65
CA ARG A 207 -8.77 -5.06 4.48
C ARG A 207 -8.05 -4.93 3.15
N VAL A 208 -8.82 -4.98 2.06
CA VAL A 208 -8.20 -4.91 0.72
C VAL A 208 -8.74 -3.78 -0.16
N PRO A 209 -8.63 -2.52 0.30
CA PRO A 209 -8.19 -2.02 1.60
C PRO A 209 -9.40 -1.79 2.54
N LEU A 210 -9.12 -1.53 3.81
CA LEU A 210 -10.05 -0.88 4.73
C LEU A 210 -9.91 0.61 4.47
N ILE A 211 -10.97 1.24 3.95
CA ILE A 211 -10.87 2.65 3.58
C ILE A 211 -11.80 3.47 4.44
N ARG A 212 -11.25 4.42 5.19
CA ARG A 212 -12.04 5.42 5.90
C ARG A 212 -11.89 6.78 5.22
N TYR A 213 -13.01 7.43 4.89
CA TYR A 213 -13.06 8.83 4.39
C TYR A 213 -12.47 9.13 3.03
N ALA A 214 -11.38 8.44 2.69
CA ALA A 214 -10.58 8.82 1.51
C ALA A 214 -11.26 8.56 0.15
N ASP A 215 -10.86 9.38 -0.83
CA ASP A 215 -11.10 9.06 -2.25
C ASP A 215 -9.95 8.18 -2.77
N VAL A 216 -10.36 7.06 -3.39
CA VAL A 216 -9.46 6.00 -3.81
C VAL A 216 -9.87 5.49 -5.19
N HIS A 217 -8.91 5.23 -6.06
CA HIS A 217 -9.16 4.57 -7.35
C HIS A 217 -8.44 3.24 -7.34
N MET A 218 -9.18 2.15 -7.58
CA MET A 218 -8.58 0.83 -7.75
C MET A 218 -8.90 0.34 -9.14
N PHE A 219 -7.85 0.20 -9.97
CA PHE A 219 -8.07 -0.35 -11.31
C PHE A 219 -7.09 -1.43 -11.68
N ASN A 220 -7.57 -2.42 -12.44
CA ASN A 220 -6.67 -3.41 -13.04
C ASN A 220 -5.91 -4.20 -11.99
N ASN A 221 -6.50 -4.39 -10.82
CA ASN A 221 -5.93 -5.33 -9.84
C ASN A 221 -6.54 -6.72 -9.99
N TYR A 222 -5.84 -7.73 -9.47
CA TYR A 222 -6.25 -9.13 -9.48
C TYR A 222 -6.39 -9.55 -8.04
N PHE A 223 -7.64 -9.72 -7.61
CA PHE A 223 -8.00 -10.17 -6.25
C PHE A 223 -8.31 -11.65 -6.33
N LYS A 224 -7.72 -12.46 -5.43
CA LYS A 224 -7.88 -13.92 -5.51
C LYS A 224 -7.87 -14.50 -4.12
N ASP A 225 -8.84 -15.39 -3.85
CA ASP A 225 -8.80 -16.18 -2.62
C ASP A 225 -8.73 -15.29 -1.40
N ILE A 226 -9.73 -14.42 -1.31
CA ILE A 226 -9.84 -13.50 -0.17
C ILE A 226 -10.93 -14.06 0.73
N ASN A 227 -10.54 -14.41 1.96
CA ASN A 227 -11.38 -15.25 2.80
C ASN A 227 -12.61 -14.57 3.35
N ASP A 228 -12.44 -13.35 3.87
CA ASP A 228 -13.58 -12.69 4.51
C ASP A 228 -14.18 -11.58 3.64
N THR A 229 -13.47 -10.47 3.49
CA THR A 229 -13.94 -9.38 2.61
C THR A 229 -12.74 -8.70 1.95
N ALA A 230 -13.00 -7.96 0.87
CA ALA A 230 -11.93 -7.22 0.23
C ALA A 230 -12.04 -5.72 0.45
N ILE A 231 -12.64 -4.99 -0.46
CA ILE A 231 -12.72 -3.51 -0.32
C ILE A 231 -13.81 -3.10 0.69
N ASN A 232 -13.40 -2.39 1.76
CA ASN A 232 -14.34 -2.02 2.80
C ASN A 232 -14.36 -0.51 2.84
N SER A 233 -15.46 0.08 2.34
CA SER A 233 -15.56 1.52 2.23
C SER A 233 -16.42 2.08 3.34
N ARG A 234 -15.81 2.95 4.16
CA ARG A 234 -16.40 3.40 5.42
C ARG A 234 -16.42 4.91 5.52
N VAL A 235 -17.38 5.42 6.31
CA VAL A 235 -17.46 6.86 6.70
C VAL A 235 -17.14 7.81 5.55
N GLY A 236 -17.91 7.64 4.49
CA GLY A 236 -17.86 8.62 3.40
C GLY A 236 -16.70 8.46 2.44
N ALA A 237 -15.93 7.39 2.57
CA ALA A 237 -14.95 7.07 1.52
C ALA A 237 -15.64 6.96 0.17
N ARG A 238 -14.92 7.28 -0.90
CA ARG A 238 -15.44 7.05 -2.27
C ARG A 238 -14.42 6.25 -3.02
N VAL A 239 -14.78 5.04 -3.46
CA VAL A 239 -13.80 4.21 -4.18
C VAL A 239 -14.31 3.86 -5.58
N PHE A 240 -13.55 4.27 -6.60
CA PHE A 240 -13.86 3.88 -7.97
C PHE A 240 -13.19 2.54 -8.25
N VAL A 241 -13.99 1.49 -8.42
CA VAL A 241 -13.51 0.10 -8.58
C VAL A 241 -13.71 -0.23 -10.03
N GLU A 242 -12.60 -0.19 -10.78
CA GLU A 242 -12.68 -0.21 -12.26
C GLU A 242 -11.82 -1.30 -12.88
N ASN A 243 -12.48 -2.14 -13.66
CA ASN A 243 -11.75 -3.14 -14.47
C ASN A 243 -10.78 -3.99 -13.66
N ASN A 244 -11.25 -4.46 -12.52
CA ASN A 244 -10.50 -5.42 -11.72
C ASN A 244 -11.02 -6.81 -11.93
N TYR A 245 -10.18 -7.80 -11.64
CA TYR A 245 -10.56 -9.20 -11.75
C TYR A 245 -10.62 -9.81 -10.34
N PHE A 246 -11.76 -10.42 -9.99
CA PHE A 246 -11.89 -11.03 -8.68
C PHE A 246 -12.20 -12.52 -8.85
N ASP A 247 -11.49 -13.38 -8.11
CA ASP A 247 -11.74 -14.81 -8.15
C ASP A 247 -11.82 -15.28 -6.71
N ASN A 248 -12.98 -15.82 -6.31
CA ASN A 248 -13.14 -16.43 -5.00
C ASN A 248 -12.88 -15.41 -3.92
N VAL A 249 -13.59 -14.28 -4.01
CA VAL A 249 -13.42 -13.17 -3.08
C VAL A 249 -14.63 -12.93 -2.21
N GLY A 250 -14.45 -13.14 -0.91
CA GLY A 250 -15.49 -12.86 0.05
C GLY A 250 -16.28 -14.08 0.43
N SER A 251 -16.73 -14.16 1.69
CA SER A 251 -17.46 -15.36 2.13
C SER A 251 -18.92 -15.47 1.71
N GLY A 252 -19.54 -14.35 1.34
CA GLY A 252 -20.95 -14.33 1.00
C GLY A 252 -21.88 -14.31 2.20
N GLN A 253 -21.32 -14.37 3.40
CA GLN A 253 -22.16 -14.36 4.60
C GLN A 253 -22.47 -12.92 4.97
N ALA A 254 -23.60 -12.67 5.66
CA ALA A 254 -23.89 -11.30 6.08
C ALA A 254 -22.99 -10.89 7.23
N ASP A 255 -22.39 -9.71 7.13
CA ASP A 255 -21.61 -9.20 8.25
C ASP A 255 -22.45 -9.00 9.50
N PRO A 256 -22.00 -9.51 10.66
CA PRO A 256 -22.87 -9.39 11.83
C PRO A 256 -23.07 -7.95 12.28
N THR A 257 -22.14 -7.07 11.96
CA THR A 257 -22.25 -5.66 12.38
C THR A 257 -23.10 -4.82 11.41
N THR A 258 -22.81 -4.88 10.12
CA THR A 258 -23.51 -4.01 9.17
C THR A 258 -24.58 -4.73 8.34
N GLY A 259 -24.58 -6.06 8.39
CA GLY A 259 -25.52 -6.85 7.65
C GLY A 259 -25.17 -7.00 6.19
N PHE A 260 -24.05 -6.37 5.78
CA PHE A 260 -23.71 -6.35 4.35
C PHE A 260 -23.17 -7.73 3.92
N ILE A 261 -23.54 -8.18 2.74
CA ILE A 261 -22.99 -9.43 2.23
C ILE A 261 -21.48 -9.35 2.05
N LYS A 262 -20.75 -10.27 2.69
CA LYS A 262 -19.28 -10.23 2.64
C LYS A 262 -18.76 -10.62 1.25
N GLY A 263 -18.02 -9.72 0.63
CA GLY A 263 -17.71 -9.88 -0.78
C GLY A 263 -16.62 -8.91 -1.19
N PRO A 264 -16.62 -8.53 -2.48
CA PRO A 264 -15.50 -7.78 -3.04
C PRO A 264 -15.48 -6.29 -2.64
N VAL A 265 -16.65 -5.76 -2.36
CA VAL A 265 -16.79 -4.38 -1.91
C VAL A 265 -18.04 -4.25 -1.06
N GLY A 266 -18.00 -3.34 -0.09
CA GLY A 266 -19.17 -3.04 0.73
C GLY A 266 -18.72 -2.34 1.98
N TRP A 267 -19.59 -2.38 3.00
CA TRP A 267 -19.32 -1.72 4.27
C TRP A 267 -19.40 -2.81 5.31
N PHE A 268 -18.29 -3.03 6.03
CA PHE A 268 -18.15 -4.15 6.96
C PHE A 268 -17.53 -3.73 8.28
N TYR A 269 -17.91 -4.46 9.34
CA TYR A 269 -17.17 -4.54 10.62
C TYR A 269 -17.37 -3.38 11.59
N GLY A 270 -17.40 -2.15 11.08
CA GLY A 270 -17.46 -1.02 12.00
C GLY A 270 -17.43 0.34 11.32
N SER A 271 -17.19 1.38 12.14
CA SER A 271 -17.42 2.81 11.80
C SER A 271 -18.93 3.13 11.83
N PRO A 272 -19.25 4.40 12.05
CA PRO A 272 -20.66 4.70 12.28
C PRO A 272 -21.50 4.78 11.02
N SER A 273 -20.87 4.89 9.85
CA SER A 273 -21.66 4.96 8.61
C SER A 273 -20.85 4.41 7.45
N THR A 274 -21.55 4.18 6.34
CA THR A 274 -20.98 3.61 5.14
C THR A 274 -20.11 4.59 4.34
N GLY A 275 -19.25 4.00 3.52
CA GLY A 275 -18.63 4.74 2.41
C GLY A 275 -19.40 4.40 1.14
N TYR A 276 -18.82 4.80 0.01
CA TYR A 276 -19.46 4.66 -1.28
C TYR A 276 -18.53 3.95 -2.27
N TRP A 277 -19.08 3.51 -3.39
CA TRP A 277 -18.27 2.79 -4.40
C TRP A 277 -18.88 3.02 -5.76
N ASN A 278 -18.04 3.21 -6.76
CA ASN A 278 -18.50 3.33 -8.14
C ASN A 278 -17.91 2.11 -8.85
N LEU A 279 -18.75 1.26 -9.43
CA LEU A 279 -18.28 0.00 -9.99
C LEU A 279 -18.41 0.06 -11.50
N ARG A 280 -17.34 -0.26 -12.20
CA ARG A 280 -17.41 -0.36 -13.65
C ARG A 280 -16.45 -1.41 -14.18
N GLY A 281 -16.93 -2.31 -15.03
CA GLY A 281 -16.00 -3.16 -15.78
C GLY A 281 -15.31 -4.27 -15.02
N ASN A 282 -15.75 -4.53 -13.79
CA ASN A 282 -15.12 -5.62 -13.03
C ASN A 282 -15.60 -7.00 -13.49
N VAL A 283 -14.73 -7.99 -13.32
CA VAL A 283 -15.07 -9.37 -13.60
C VAL A 283 -15.07 -10.10 -12.26
N PHE A 284 -16.19 -10.76 -11.95
CA PHE A 284 -16.35 -11.46 -10.68
C PHE A 284 -16.54 -12.95 -10.97
N VAL A 285 -15.56 -13.77 -10.55
CA VAL A 285 -15.71 -15.21 -10.72
C VAL A 285 -15.81 -15.83 -9.33
N ASN A 286 -16.87 -16.58 -9.11
CA ASN A 286 -17.14 -17.23 -7.80
C ASN A 286 -16.99 -16.19 -6.70
N THR A 287 -17.53 -15.00 -6.96
CA THR A 287 -17.43 -13.88 -6.03
C THR A 287 -18.78 -13.19 -5.95
N PRO A 288 -19.35 -13.08 -4.74
CA PRO A 288 -20.71 -12.51 -4.62
C PRO A 288 -20.74 -11.12 -5.23
N ASN A 289 -21.72 -10.87 -6.12
CA ASN A 289 -21.75 -9.55 -6.74
C ASN A 289 -23.11 -9.06 -7.19
N SER A 290 -24.08 -9.96 -7.32
CA SER A 290 -25.38 -9.54 -7.86
C SER A 290 -26.14 -8.53 -6.98
N HIS A 291 -25.77 -8.47 -5.71
CA HIS A 291 -26.38 -7.58 -4.75
C HIS A 291 -25.87 -6.16 -4.84
N LEU A 292 -24.79 -5.97 -5.61
CA LEU A 292 -24.10 -4.66 -5.68
C LEU A 292 -24.71 -3.65 -6.66
N ASN A 293 -24.72 -2.39 -6.23
CA ASN A 293 -25.08 -1.24 -7.05
C ASN A 293 -24.00 -0.19 -6.86
N SER A 294 -23.73 0.62 -7.88
CA SER A 294 -22.87 1.78 -7.69
C SER A 294 -23.59 2.82 -6.85
N THR A 295 -22.90 3.33 -5.85
CA THR A 295 -23.51 4.27 -4.92
C THR A 295 -22.87 5.66 -5.01
N THR A 296 -21.86 5.83 -5.89
CA THR A 296 -21.32 7.15 -6.17
C THR A 296 -20.90 7.21 -7.63
N ASN A 297 -20.87 8.42 -8.19
CA ASN A 297 -20.34 8.67 -9.53
C ASN A 297 -18.87 9.06 -9.51
N PHE A 298 -18.24 9.05 -8.32
CA PHE A 298 -16.83 9.43 -8.16
C PHE A 298 -15.91 8.79 -9.22
N THR A 299 -15.18 9.67 -9.93
CA THR A 299 -14.07 9.33 -10.83
C THR A 299 -12.89 10.24 -10.45
N PRO A 300 -11.65 9.72 -10.52
CA PRO A 300 -10.51 10.50 -10.05
C PRO A 300 -10.12 11.58 -11.07
N PRO A 301 -9.47 12.61 -10.57
CA PRO A 301 -9.16 13.80 -11.35
C PRO A 301 -7.88 13.72 -12.16
N TYR A 302 -7.50 12.57 -12.68
CA TYR A 302 -6.26 12.49 -13.43
C TYR A 302 -6.45 11.64 -14.68
N SER A 303 -5.52 11.81 -15.63
CA SER A 303 -5.46 10.97 -16.82
C SER A 303 -4.84 9.62 -16.46
N TYR A 304 -5.25 8.57 -17.16
CA TYR A 304 -4.68 7.26 -16.92
C TYR A 304 -5.01 6.34 -18.10
N GLN A 305 -4.30 5.23 -18.17
CA GLN A 305 -4.58 4.18 -19.15
C GLN A 305 -5.07 2.99 -18.39
N VAL A 306 -6.13 2.37 -18.90
CA VAL A 306 -6.75 1.24 -18.19
C VAL A 306 -7.02 0.10 -19.15
N GLN A 307 -6.54 -1.09 -18.79
CA GLN A 307 -6.80 -2.32 -19.56
C GLN A 307 -8.15 -2.92 -19.24
N SER A 308 -8.61 -3.90 -20.03
CA SER A 308 -9.77 -4.65 -19.57
C SER A 308 -9.37 -5.46 -18.33
N ALA A 309 -10.36 -5.94 -17.60
CA ALA A 309 -10.09 -6.76 -16.41
C ALA A 309 -9.29 -8.00 -16.78
N THR A 310 -9.60 -8.64 -17.89
CA THR A 310 -8.89 -9.87 -18.22
C THR A 310 -7.50 -9.61 -18.73
N GLN A 311 -7.30 -8.49 -19.43
CA GLN A 311 -5.94 -8.13 -19.82
C GLN A 311 -5.14 -7.81 -18.59
N ALA A 312 -5.76 -7.11 -17.64
CA ALA A 312 -5.05 -6.81 -16.41
C ALA A 312 -4.66 -8.06 -15.64
N LYS A 313 -5.58 -9.02 -15.58
CA LYS A 313 -5.26 -10.25 -14.86
C LYS A 313 -3.97 -10.86 -15.41
N SER A 314 -3.86 -10.97 -16.74
CA SER A 314 -2.63 -11.54 -17.31
C SER A 314 -1.40 -10.66 -17.10
N SER A 315 -1.55 -9.34 -17.17
CA SER A 315 -0.40 -8.45 -16.93
C SER A 315 0.10 -8.57 -15.50
N VAL A 316 -0.81 -8.63 -14.55
CA VAL A 316 -0.45 -8.75 -13.13
C VAL A 316 0.24 -10.09 -12.90
N GLU A 317 -0.30 -11.16 -13.48
CA GLU A 317 0.34 -12.45 -13.32
C GLU A 317 1.81 -12.41 -13.78
N GLN A 318 2.05 -11.70 -14.87
CA GLN A 318 3.36 -11.73 -15.50
C GLN A 318 4.32 -10.70 -14.97
N HIS A 319 3.82 -9.56 -14.54
CA HIS A 319 4.73 -8.44 -14.33
C HIS A 319 4.67 -7.79 -12.96
N SER A 320 3.79 -8.28 -12.09
CA SER A 320 3.81 -7.77 -10.72
C SER A 320 4.98 -8.35 -9.91
N GLY A 321 5.31 -7.65 -8.83
CA GLY A 321 6.32 -8.14 -7.89
C GLY A 321 7.76 -7.81 -8.26
N VAL A 322 8.67 -8.49 -7.57
CA VAL A 322 10.10 -8.18 -7.65
C VAL A 322 10.78 -8.89 -8.80
N GLY A 323 11.99 -8.42 -9.13
CA GLY A 323 12.78 -9.01 -10.19
C GLY A 323 12.30 -8.68 -11.59
N VAL A 324 11.40 -7.70 -11.72
CA VAL A 324 10.83 -7.33 -13.04
C VAL A 324 11.45 -6.04 -13.56
N ILE A 325 11.49 -5.01 -12.71
CA ILE A 325 11.91 -3.66 -13.12
C ILE A 325 13.39 -3.37 -12.92
N ASN A 326 14.10 -4.16 -12.13
CA ASN A 326 15.46 -3.76 -11.75
C ASN A 326 16.44 -4.87 -11.39
#